data_3SX0
#
_entry.id   3SX0
#
_cell.length_a   152.917
_cell.length_b   152.917
_cell.length_c   50.964
_cell.angle_alpha   90.000
_cell.angle_beta   90.000
_cell.angle_gamma   120.000
#
_symmetry.space_group_name_H-M   'P 65'
#
loop_
_entity.id
_entity.type
_entity.pdbx_description
1 polymer 'Histone-lysine N-methyltransferase, H3 lysine-79 specific'
2 non-polymer '(2S)-2-amino-4-({[(2S,3S,4R,5R)-5-(4-amino-5-bromo-7H-pyrrolo[2,3-d]pyrimidin-7-yl)-3,4-dihydroxytetrahydrofuran-2-yl]methyl}sulfanyl)butanoic acid (non-preferred name)'
3 non-polymer 'SULFATE ION'
4 non-polymer 'UNKNOWN ATOM OR ION'
5 water water
#
_entity_poly.entity_id   1
_entity_poly.type   'polypeptide(L)'
_entity_poly.pdbx_seq_one_letter_code
;GMGEKLELRLKSPVGAEPAVYPWPLPVYDKHHDAAHEIIETIRWVCEEIPDLKLAMENYVLIDYDTKSFESMQRLCDKYN
RAIDSIHQLWKGTTQPMKLNTRPSTGLLRHILQQVYNHSVTDPEKLNNYEPFSPEVYGETSFDLVAQMIDEIKMTDDDLF
VDLGSGVGQVVLQVAAATNCKHHYGVEKADIPAKYAETMDREFRKWMKWYGKKHAEYTLERGDFLSEEWRERIANTSVIF
VNNFAFGPEVDHQLKERFANMKEGGRIVSSKPFAPLNFRINSRNLSDIGTIMRVVELSPLKGSVSWTGKPVSYYLHTIDR
TILENYFSSLKNPKLREEQEAARRRQQRESKSNAATPTKGPEGKVAGPADAPMDSGAEEEKAGAATVKKPSPSKARKKKL
NKKGRKMAGRKRGRPKKMNTA
;
_entity_poly.pdbx_strand_id   A
#
# COMPACT_ATOMS: atom_id res chain seq x y z
N LYS A 5 30.43 8.51 -18.60
CA LYS A 5 29.39 7.60 -18.04
C LYS A 5 28.12 7.67 -18.90
N LEU A 6 27.80 6.57 -19.56
CA LEU A 6 26.57 6.45 -20.34
C LEU A 6 25.35 6.48 -19.40
N GLU A 7 24.25 7.06 -19.89
CA GLU A 7 23.07 7.36 -19.06
C GLU A 7 21.82 7.51 -19.92
N LEU A 8 20.68 7.08 -19.39
CA LEU A 8 19.37 7.34 -19.98
C LEU A 8 18.61 8.29 -19.07
N ARG A 9 17.82 9.17 -19.65
CA ARG A 9 17.11 10.22 -18.92
C ARG A 9 15.67 10.26 -19.40
N LEU A 10 14.76 10.38 -18.44
CA LEU A 10 13.35 10.62 -18.73
C LEU A 10 12.92 11.90 -18.05
N LYS A 11 12.52 12.87 -18.85
CA LYS A 11 11.99 14.12 -18.32
C LYS A 11 10.63 13.90 -17.67
N SER A 12 10.34 14.68 -16.64
CA SER A 12 9.06 14.61 -15.94
C SER A 12 7.99 15.34 -16.73
N PRO A 13 6.77 14.78 -16.78
CA PRO A 13 5.70 15.49 -17.45
C PRO A 13 5.31 16.79 -16.78
N VAL A 14 5.67 16.98 -15.50
CA VAL A 14 5.32 18.22 -14.80
C VAL A 14 6.55 19.02 -14.41
N GLY A 15 7.68 18.78 -15.04
CA GLY A 15 8.86 19.60 -14.84
C GLY A 15 9.67 19.35 -13.57
N ALA A 16 9.49 18.19 -12.93
CA ALA A 16 10.39 17.78 -11.83
C ALA A 16 11.74 17.40 -12.41
N GLU A 17 12.69 17.04 -11.53
CA GLU A 17 14.01 16.64 -12.02
CA GLU A 17 14.03 16.60 -11.96
C GLU A 17 13.89 15.35 -12.81
N PRO A 18 14.64 15.24 -13.92
CA PRO A 18 14.53 14.04 -14.74
C PRO A 18 14.96 12.77 -14.01
N ALA A 19 14.36 11.64 -14.35
CA ALA A 19 14.79 10.37 -13.81
C ALA A 19 16.00 9.93 -14.64
N VAL A 20 17.08 9.58 -13.96
CA VAL A 20 18.35 9.24 -14.60
C VAL A 20 18.66 7.79 -14.31
N TYR A 21 19.07 7.05 -15.34
CA TYR A 21 19.35 5.63 -15.19
C TYR A 21 20.74 5.32 -15.75
N PRO A 22 21.58 4.61 -15.00
CA PRO A 22 22.89 4.26 -15.52
C PRO A 22 22.77 3.19 -16.61
N TRP A 23 23.70 3.18 -17.54
CA TRP A 23 23.81 2.07 -18.48
C TRP A 23 25.13 1.34 -18.19
N PRO A 24 25.13 -0.01 -18.21
CA PRO A 24 24.00 -0.91 -18.48
C PRO A 24 22.91 -0.82 -17.43
N LEU A 25 21.68 -1.01 -17.89
CA LEU A 25 20.53 -0.91 -17.05
C LEU A 25 20.52 -2.11 -16.09
N PRO A 26 20.23 -1.86 -14.81
CA PRO A 26 20.21 -2.96 -13.88
C PRO A 26 18.94 -3.82 -13.94
N VAL A 27 19.09 -5.03 -13.42
CA VAL A 27 18.01 -5.99 -13.23
CA VAL A 27 17.98 -5.96 -13.23
C VAL A 27 17.62 -6.03 -11.75
N TYR A 28 16.33 -6.10 -11.48
CA TYR A 28 15.84 -6.13 -10.09
C TYR A 28 15.60 -7.54 -9.58
N ASP A 29 15.06 -8.41 -10.42
CA ASP A 29 14.84 -9.83 -10.11
C ASP A 29 14.58 -10.49 -11.43
N LYS A 30 14.24 -11.77 -11.40
CA LYS A 30 14.02 -12.56 -12.62
C LYS A 30 12.95 -11.98 -13.55
N HIS A 31 11.99 -11.28 -12.99
CA HIS A 31 10.85 -10.79 -13.75
C HIS A 31 10.86 -9.26 -13.98
N HIS A 32 11.67 -8.51 -13.23
CA HIS A 32 11.74 -7.06 -13.36
C HIS A 32 13.16 -6.49 -13.64
N ASP A 33 13.25 -5.54 -14.55
CA ASP A 33 14.49 -4.83 -14.81
C ASP A 33 14.23 -3.35 -15.17
N ALA A 34 15.29 -2.55 -15.17
CA ALA A 34 15.16 -1.11 -15.37
C ALA A 34 14.70 -0.77 -16.82
N ALA A 35 15.06 -1.62 -17.78
CA ALA A 35 14.72 -1.37 -19.16
C ALA A 35 13.22 -1.43 -19.35
N HIS A 36 12.57 -2.39 -18.71
CA HIS A 36 11.12 -2.47 -18.81
CA HIS A 36 11.10 -2.53 -18.73
C HIS A 36 10.41 -1.47 -17.88
N GLU A 37 11.05 -1.08 -16.78
CA GLU A 37 10.53 0.05 -16.00
C GLU A 37 10.48 1.36 -16.82
N ILE A 38 11.55 1.64 -17.56
CA ILE A 38 11.60 2.80 -18.45
C ILE A 38 10.43 2.76 -19.46
N ILE A 39 10.30 1.64 -20.15
CA ILE A 39 9.25 1.44 -21.15
C ILE A 39 7.86 1.61 -20.56
N GLU A 40 7.61 1.04 -19.36
CA GLU A 40 6.30 1.16 -18.75
C GLU A 40 6.06 2.55 -18.23
N THR A 41 7.10 3.20 -17.71
CA THR A 41 6.99 4.59 -17.29
C THR A 41 6.52 5.49 -18.45
N ILE A 42 7.11 5.31 -19.64
CA ILE A 42 6.69 6.08 -20.82
C ILE A 42 5.23 5.77 -21.14
N ARG A 43 4.90 4.48 -21.12
CA ARG A 43 3.53 4.07 -21.36
C ARG A 43 2.54 4.76 -20.40
N TRP A 44 2.85 4.78 -19.12
CA TRP A 44 1.95 5.37 -18.14
C TRP A 44 1.84 6.86 -18.26
N VAL A 45 2.96 7.55 -18.57
CA VAL A 45 2.87 9.00 -18.78
C VAL A 45 1.99 9.26 -19.99
N CYS A 46 2.04 8.38 -20.97
CA CYS A 46 1.17 8.50 -22.14
C CYS A 46 -0.31 8.36 -21.80
N GLU A 47 -0.62 7.59 -20.76
CA GLU A 47 -1.99 7.53 -20.25
C GLU A 47 -2.37 8.79 -19.51
N GLU A 48 -1.43 9.40 -18.79
CA GLU A 48 -1.73 10.65 -18.10
C GLU A 48 -2.01 11.74 -19.10
N ILE A 49 -1.33 11.71 -20.26
CA ILE A 49 -1.45 12.80 -21.23
C ILE A 49 -1.74 12.31 -22.64
N PRO A 50 -2.99 12.47 -23.08
CA PRO A 50 -3.40 12.07 -24.41
C PRO A 50 -2.55 12.61 -25.56
N ASP A 51 -2.28 13.91 -25.55
CA ASP A 51 -1.46 14.48 -26.60
C ASP A 51 -0.10 13.79 -26.71
N LEU A 52 0.48 13.45 -25.56
CA LEU A 52 1.71 12.66 -25.54
C LEU A 52 1.51 11.26 -26.14
N LYS A 53 0.43 10.60 -25.76
CA LYS A 53 0.07 9.32 -26.38
C LYS A 53 -0.04 9.44 -27.89
N LEU A 54 -0.71 10.49 -28.35
CA LEU A 54 -0.79 10.76 -29.80
C LEU A 54 0.59 10.92 -30.42
N ALA A 55 1.47 11.68 -29.78
CA ALA A 55 2.80 11.91 -30.35
C ALA A 55 3.64 10.64 -30.37
N MET A 56 3.38 9.74 -29.42
CA MET A 56 4.08 8.45 -29.44
C MET A 56 3.44 7.47 -30.45
N GLU A 57 2.13 7.57 -30.69
CA GLU A 57 1.39 6.61 -31.53
C GLU A 57 1.80 6.67 -33.00
N ASP A 63 11.03 -1.09 -32.88
CA ASP A 63 12.42 -1.49 -32.95
C ASP A 63 13.08 -1.24 -31.59
N TYR A 64 12.38 -1.65 -30.53
CA TYR A 64 12.87 -1.58 -29.15
C TYR A 64 13.61 -2.88 -28.76
N ASP A 65 14.91 -2.87 -28.99
CA ASP A 65 15.82 -3.87 -28.46
C ASP A 65 16.21 -3.35 -27.08
N THR A 66 15.73 -4.01 -26.02
CA THR A 66 15.99 -3.52 -24.66
C THR A 66 17.45 -3.72 -24.25
N LYS A 67 18.21 -4.49 -25.04
CA LYS A 67 19.61 -4.79 -24.76
C LYS A 67 20.58 -3.83 -25.49
N SER A 68 20.07 -3.05 -26.43
CA SER A 68 20.87 -2.07 -27.17
C SER A 68 20.74 -0.65 -26.58
N PHE A 69 21.88 -0.02 -26.30
CA PHE A 69 21.88 1.32 -25.73
C PHE A 69 21.27 2.34 -26.69
N GLU A 70 21.86 2.44 -27.88
CA GLU A 70 21.39 3.34 -28.91
C GLU A 70 19.87 3.22 -29.05
N SER A 71 19.36 2.00 -29.09
CA SER A 71 17.92 1.79 -29.30
C SER A 71 17.05 2.31 -28.14
N MET A 72 17.54 2.15 -26.92
CA MET A 72 16.85 2.64 -25.73
C MET A 72 16.99 4.18 -25.64
N GLN A 73 18.15 4.70 -26.04
CA GLN A 73 18.36 6.16 -26.07
C GLN A 73 17.43 6.82 -27.09
N ARG A 74 17.21 6.14 -28.19
CA ARG A 74 16.26 6.57 -29.19
C ARG A 74 14.86 6.66 -28.61
N LEU A 75 14.47 5.65 -27.82
CA LEU A 75 13.13 5.65 -27.22
C LEU A 75 13.02 6.80 -26.23
N CYS A 76 14.05 6.97 -25.40
CA CYS A 76 14.07 8.03 -24.40
C CYS A 76 14.02 9.43 -25.02
N ASP A 77 14.84 9.66 -26.06
CA ASP A 77 14.84 10.96 -26.73
CA ASP A 77 14.84 10.97 -26.73
C ASP A 77 13.49 11.24 -27.38
N LYS A 78 12.88 10.20 -27.91
CA LYS A 78 11.59 10.40 -28.55
C LYS A 78 10.53 10.82 -27.53
N TYR A 79 10.55 10.20 -26.36
CA TYR A 79 9.65 10.58 -25.29
C TYR A 79 10.00 11.99 -24.81
N ASN A 80 11.29 12.27 -24.63
CA ASN A 80 11.73 13.58 -24.17
C ASN A 80 11.37 14.74 -25.14
N ARG A 81 11.49 14.50 -26.44
CA ARG A 81 11.10 15.49 -27.43
C ARG A 81 9.59 15.73 -27.39
N ALA A 82 8.83 14.67 -27.20
CA ALA A 82 7.38 14.76 -27.10
C ALA A 82 6.98 15.55 -25.84
N ILE A 83 7.66 15.30 -24.72
CA ILE A 83 7.43 16.07 -23.49
C ILE A 83 7.70 17.58 -23.66
N ASP A 84 8.78 17.94 -24.37
CA ASP A 84 9.05 19.34 -24.68
C ASP A 84 7.92 19.99 -25.49
N SER A 85 7.40 19.28 -26.49
CA SER A 85 6.36 19.85 -27.33
C SER A 85 5.07 20.02 -26.54
N ILE A 86 4.72 19.05 -25.71
CA ILE A 86 3.57 19.16 -24.81
C ILE A 86 3.71 20.38 -23.87
N HIS A 87 4.90 20.57 -23.32
CA HIS A 87 5.17 21.75 -22.47
C HIS A 87 4.96 23.08 -23.20
N GLN A 88 5.23 23.09 -24.50
CA GLN A 88 4.98 24.25 -25.34
C GLN A 88 3.49 24.45 -25.64
N LEU A 89 2.79 23.34 -25.81
CA LEU A 89 1.33 23.33 -26.00
C LEU A 89 0.66 23.98 -24.79
N TRP A 90 1.18 23.68 -23.62
CA TRP A 90 0.68 24.22 -22.38
C TRP A 90 1.00 25.70 -22.16
N LYS A 91 1.96 26.26 -22.90
CA LYS A 91 2.19 27.71 -22.83
C LYS A 91 1.26 28.41 -23.82
N GLY A 92 0.70 27.64 -24.75
CA GLY A 92 -0.33 28.14 -25.66
C GLY A 92 -1.70 28.14 -25.00
N THR A 93 -2.71 27.72 -25.74
CA THR A 93 -4.09 27.77 -25.26
C THR A 93 -4.50 26.49 -24.53
N THR A 94 -3.77 25.40 -24.76
CA THR A 94 -4.10 24.11 -24.18
C THR A 94 -3.91 24.06 -22.67
N GLN A 95 -4.85 23.42 -21.98
CA GLN A 95 -4.87 23.38 -20.52
C GLN A 95 -3.84 22.37 -20.07
N PRO A 96 -2.96 22.77 -19.12
CA PRO A 96 -1.99 21.80 -18.65
C PRO A 96 -2.67 20.71 -17.85
N MET A 97 -2.09 19.52 -17.86
CA MET A 97 -2.53 18.38 -17.06
C MET A 97 -3.02 18.90 -15.72
N LYS A 98 -4.21 18.46 -15.33
CA LYS A 98 -4.72 18.74 -14.01
C LYS A 98 -3.66 18.22 -13.02
N LEU A 99 -3.21 19.09 -12.12
CA LEU A 99 -2.20 18.73 -11.12
C LEU A 99 -2.90 18.31 -9.84
N ASN A 100 -2.18 17.64 -8.95
CA ASN A 100 -2.75 17.29 -7.67
C ASN A 100 -4.00 16.38 -7.73
N THR A 101 -4.10 15.53 -8.74
CA THR A 101 -5.13 14.45 -8.73
C THR A 101 -4.45 13.17 -8.24
N ARG A 102 -5.26 12.20 -7.83
CA ARG A 102 -4.77 10.87 -7.42
C ARG A 102 -4.45 10.07 -8.65
N PRO A 103 -3.47 9.16 -8.56
CA PRO A 103 -3.14 8.29 -9.68
C PRO A 103 -4.23 7.27 -9.85
N SER A 104 -4.47 6.82 -11.08
CA SER A 104 -5.38 5.71 -11.32
C SER A 104 -4.79 4.45 -10.66
N THR A 105 -5.62 3.44 -10.49
CA THR A 105 -5.19 2.16 -9.95
C THR A 105 -4.00 1.60 -10.76
N GLY A 106 -4.13 1.58 -12.08
CA GLY A 106 -3.06 1.13 -12.97
C GLY A 106 -1.73 1.87 -12.79
N LEU A 107 -1.78 3.19 -12.73
CA LEU A 107 -0.57 3.97 -12.55
C LEU A 107 0.00 3.68 -11.19
N LEU A 108 -0.86 3.58 -10.18
CA LEU A 108 -0.37 3.38 -8.81
C LEU A 108 0.41 2.07 -8.70
N ARG A 109 -0.10 1.01 -9.32
CA ARG A 109 0.58 -0.27 -9.29
CA ARG A 109 0.56 -0.28 -9.33
C ARG A 109 1.99 -0.14 -9.86
N HIS A 110 2.12 0.51 -11.00
CA HIS A 110 3.42 0.75 -11.60
C HIS A 110 4.32 1.63 -10.72
N ILE A 111 3.77 2.68 -10.13
CA ILE A 111 4.56 3.51 -9.23
C ILE A 111 5.12 2.73 -8.03
N LEU A 112 4.30 1.86 -7.44
CA LEU A 112 4.72 1.10 -6.28
C LEU A 112 5.73 0.08 -6.67
N GLN A 113 5.55 -0.54 -7.83
CA GLN A 113 6.55 -1.45 -8.33
C GLN A 113 7.91 -0.72 -8.52
N GLN A 114 7.85 0.46 -9.11
CA GLN A 114 9.04 1.26 -9.38
C GLN A 114 9.71 1.64 -8.06
N VAL A 115 8.92 2.09 -7.09
CA VAL A 115 9.42 2.50 -5.80
C VAL A 115 10.03 1.31 -5.04
N TYR A 116 9.35 0.17 -5.07
CA TYR A 116 9.91 -1.02 -4.44
C TYR A 116 11.26 -1.40 -5.06
N ASN A 117 11.32 -1.46 -6.39
CA ASN A 117 12.58 -1.89 -7.04
C ASN A 117 13.73 -0.93 -6.85
N HIS A 118 13.44 0.35 -6.71
CA HIS A 118 14.50 1.30 -6.42
C HIS A 118 14.87 1.29 -4.94
N SER A 119 14.00 0.80 -4.06
CA SER A 119 14.24 0.85 -2.60
C SER A 119 14.74 -0.46 -2.01
N VAL A 120 14.10 -1.55 -2.39
CA VAL A 120 14.38 -2.83 -1.74
C VAL A 120 15.47 -3.44 -2.56
N THR A 121 16.69 -3.01 -2.28
CA THR A 121 17.79 -3.26 -3.19
C THR A 121 18.26 -4.70 -3.10
N ASP A 122 18.16 -5.30 -1.92
CA ASP A 122 18.37 -6.73 -1.80
C ASP A 122 17.19 -7.44 -1.13
N PRO A 123 16.19 -7.87 -1.94
CA PRO A 123 14.95 -8.46 -1.44
C PRO A 123 15.15 -9.68 -0.54
N GLU A 124 16.17 -10.49 -0.81
CA GLU A 124 16.45 -11.67 -0.01
C GLU A 124 16.62 -11.31 1.47
N LYS A 125 17.11 -10.11 1.77
CA LYS A 125 17.36 -9.73 3.16
C LYS A 125 16.06 -9.67 4.01
N LEU A 126 14.92 -9.47 3.34
CA LEU A 126 13.62 -9.51 4.02
C LEU A 126 13.23 -10.91 4.49
N ASN A 127 13.93 -11.94 4.02
CA ASN A 127 13.71 -13.33 4.47
C ASN A 127 14.60 -13.77 5.61
N ASN A 128 15.40 -12.84 6.13
CA ASN A 128 16.28 -13.10 7.27
C ASN A 128 15.59 -12.77 8.60
N TYR A 129 14.39 -13.28 8.78
CA TYR A 129 13.71 -13.19 10.06
C TYR A 129 13.81 -14.57 10.72
N GLU A 130 13.60 -14.60 12.01
CA GLU A 130 13.53 -15.86 12.73
C GLU A 130 12.20 -16.52 12.30
N PRO A 131 12.25 -17.72 11.71
CA PRO A 131 11.01 -18.40 11.33
C PRO A 131 10.24 -18.92 12.53
N PHE A 132 8.95 -19.16 12.36
CA PHE A 132 8.05 -19.64 13.42
C PHE A 132 8.01 -18.66 14.60
N SER A 133 8.19 -17.37 14.30
CA SER A 133 8.20 -16.31 15.27
C SER A 133 7.19 -15.27 14.82
N PRO A 134 6.73 -14.41 15.74
CA PRO A 134 5.85 -13.31 15.32
C PRO A 134 6.48 -12.31 14.33
N GLU A 135 7.80 -12.39 14.11
CA GLU A 135 8.48 -11.51 13.15
C GLU A 135 8.43 -11.99 11.68
N VAL A 136 7.69 -13.07 11.41
CA VAL A 136 7.66 -13.61 10.04
C VAL A 136 7.15 -12.53 9.11
N TYR A 137 7.86 -12.34 8.00
CA TYR A 137 7.52 -11.33 7.03
C TYR A 137 6.77 -11.94 5.84
N GLY A 138 5.70 -11.28 5.43
CA GLY A 138 4.97 -11.64 4.22
C GLY A 138 4.28 -10.40 3.71
N GLU A 139 4.24 -10.22 2.39
CA GLU A 139 3.64 -9.04 1.80
C GLU A 139 2.19 -9.32 1.36
N THR A 140 1.28 -8.43 1.72
CA THR A 140 -0.08 -8.41 1.18
C THR A 140 -0.03 -7.87 -0.27
N SER A 141 -0.74 -8.48 -1.20
CA SER A 141 -0.65 -8.10 -2.61
C SER A 141 -1.30 -6.74 -2.87
N PHE A 142 -0.85 -6.05 -3.88
CA PHE A 142 -1.48 -4.87 -4.35
C PHE A 142 -3.01 -5.07 -4.55
N ASP A 143 -3.40 -6.18 -5.14
CA ASP A 143 -4.81 -6.45 -5.41
C ASP A 143 -5.67 -6.54 -4.14
N LEU A 144 -5.16 -7.17 -3.08
CA LEU A 144 -5.95 -7.24 -1.87
C LEU A 144 -6.11 -5.86 -1.28
N VAL A 145 -5.03 -5.10 -1.25
CA VAL A 145 -5.11 -3.77 -0.71
C VAL A 145 -6.07 -2.93 -1.54
N ALA A 146 -6.13 -3.17 -2.85
CA ALA A 146 -7.04 -2.41 -3.75
C ALA A 146 -8.47 -2.75 -3.39
N GLN A 147 -8.75 -4.03 -3.17
CA GLN A 147 -10.06 -4.46 -2.73
C GLN A 147 -10.45 -3.82 -1.41
N MET A 148 -9.55 -3.85 -0.43
CA MET A 148 -9.88 -3.25 0.83
C MET A 148 -10.20 -1.79 0.63
N ILE A 149 -9.42 -1.08 -0.18
CA ILE A 149 -9.69 0.33 -0.39
C ILE A 149 -11.11 0.53 -0.97
N ASP A 150 -11.50 -0.32 -1.93
CA ASP A 150 -12.81 -0.25 -2.58
C ASP A 150 -13.97 -0.59 -1.63
N GLU A 151 -13.74 -1.49 -0.68
CA GLU A 151 -14.82 -1.96 0.16
C GLU A 151 -14.97 -1.22 1.47
N ILE A 152 -13.90 -0.67 2.02
CA ILE A 152 -13.99 0.04 3.28
C ILE A 152 -14.43 1.51 3.12
N LYS A 153 -13.99 2.20 2.09
CA LYS A 153 -14.49 3.58 1.87
C LYS A 153 -14.13 4.42 3.08
N MET A 154 -12.94 4.98 3.07
CA MET A 154 -12.53 5.87 4.11
C MET A 154 -12.85 7.29 3.65
N THR A 155 -13.07 8.18 4.62
CA THR A 155 -13.29 9.60 4.39
C THR A 155 -12.19 10.36 5.11
N ASP A 156 -12.22 11.69 5.04
CA ASP A 156 -11.20 12.50 5.69
C ASP A 156 -11.34 12.57 7.20
N ASP A 157 -12.40 11.96 7.73
CA ASP A 157 -12.51 11.75 9.17
C ASP A 157 -11.65 10.60 9.68
N ASP A 158 -11.22 9.71 8.80
CA ASP A 158 -10.51 8.50 9.22
C ASP A 158 -8.99 8.65 9.45
N LEU A 159 -8.48 7.82 10.36
CA LEU A 159 -7.05 7.60 10.51
C LEU A 159 -6.79 6.12 10.22
N PHE A 160 -5.78 5.86 9.39
CA PHE A 160 -5.44 4.51 8.95
C PHE A 160 -4.08 4.11 9.51
N VAL A 161 -3.98 2.92 10.08
CA VAL A 161 -2.73 2.40 10.56
C VAL A 161 -2.54 0.97 10.05
N ASP A 162 -1.36 0.68 9.51
CA ASP A 162 -0.93 -0.69 9.24
C ASP A 162 -0.03 -1.13 10.38
N LEU A 163 -0.51 -2.06 11.22
CA LEU A 163 0.29 -2.57 12.35
C LEU A 163 1.29 -3.63 11.88
N GLY A 164 2.58 -3.32 11.97
CA GLY A 164 3.58 -4.18 11.39
C GLY A 164 3.66 -3.95 9.90
N SER A 165 4.09 -2.74 9.56
CA SER A 165 3.93 -2.20 8.21
C SER A 165 4.99 -2.70 7.21
N GLY A 166 6.02 -3.38 7.69
CA GLY A 166 7.01 -3.96 6.79
C GLY A 166 7.81 -2.87 6.11
N VAL A 167 7.91 -2.93 4.78
CA VAL A 167 8.63 -1.90 4.03
C VAL A 167 7.72 -0.74 3.70
N GLY A 168 6.46 -0.85 4.05
CA GLY A 168 5.55 0.27 4.03
C GLY A 168 4.59 0.37 2.86
N GLN A 169 4.60 -0.60 1.95
CA GLN A 169 3.87 -0.47 0.67
C GLN A 169 2.34 -0.46 0.81
N VAL A 170 1.81 -1.00 1.90
CA VAL A 170 0.36 -0.92 2.11
C VAL A 170 -0.03 0.50 2.44
N VAL A 171 0.74 1.15 3.28
CA VAL A 171 0.44 2.52 3.65
C VAL A 171 0.57 3.45 2.42
N LEU A 172 1.60 3.24 1.61
CA LEU A 172 1.75 4.08 0.43
C LEU A 172 0.57 3.94 -0.50
N GLN A 173 0.08 2.73 -0.70
CA GLN A 173 -1.04 2.53 -1.60
C GLN A 173 -2.29 3.20 -1.07
N VAL A 174 -2.58 3.00 0.21
CA VAL A 174 -3.79 3.59 0.80
C VAL A 174 -3.68 5.11 0.79
N ALA A 175 -2.50 5.63 1.07
CA ALA A 175 -2.26 7.06 1.06
C ALA A 175 -2.45 7.67 -0.33
N ALA A 176 -2.07 6.93 -1.36
CA ALA A 176 -2.23 7.40 -2.73
C ALA A 176 -3.69 7.39 -3.12
N ALA A 177 -4.46 6.47 -2.56
CA ALA A 177 -5.81 6.21 -3.02
C ALA A 177 -6.91 6.91 -2.23
N THR A 178 -6.71 7.23 -0.95
CA THR A 178 -7.83 7.73 -0.12
C THR A 178 -7.56 9.13 0.43
N ASN A 179 -8.57 9.71 1.06
CA ASN A 179 -8.41 11.04 1.66
CA ASN A 179 -8.47 11.03 1.66
C ASN A 179 -8.43 11.02 3.19
N CYS A 180 -7.93 9.93 3.81
CA CYS A 180 -7.80 9.92 5.28
C CYS A 180 -6.95 11.09 5.69
N LYS A 181 -7.20 11.62 6.88
CA LYS A 181 -6.46 12.78 7.38
C LYS A 181 -5.01 12.38 7.62
N HIS A 182 -4.77 11.14 8.02
CA HIS A 182 -3.40 10.64 8.15
C HIS A 182 -3.33 9.12 8.06
N HIS A 183 -2.22 8.63 7.51
CA HIS A 183 -1.95 7.21 7.35
C HIS A 183 -0.65 6.92 8.08
N TYR A 184 -0.61 5.84 8.86
CA TYR A 184 0.60 5.48 9.55
C TYR A 184 0.93 4.03 9.28
N GLY A 185 2.21 3.74 9.23
CA GLY A 185 2.70 2.38 9.41
C GLY A 185 3.70 2.38 10.53
N VAL A 186 3.71 1.30 11.30
CA VAL A 186 4.70 1.08 12.35
C VAL A 186 5.25 -0.32 12.17
N GLU A 187 6.57 -0.42 12.21
CA GLU A 187 7.29 -1.66 11.98
C GLU A 187 8.42 -1.73 12.97
N LYS A 188 8.61 -2.91 13.55
CA LYS A 188 9.58 -3.18 14.61
C LYS A 188 10.97 -3.65 14.14
N ALA A 189 11.06 -4.49 13.10
CA ALA A 189 12.35 -5.08 12.69
C ALA A 189 13.22 -4.09 11.89
N ASP A 190 14.53 -4.14 12.10
CA ASP A 190 15.50 -3.20 11.53
CA ASP A 190 15.46 -3.17 11.51
C ASP A 190 15.53 -3.28 9.99
N ILE A 191 15.61 -4.49 9.45
CA ILE A 191 15.74 -4.64 8.01
C ILE A 191 14.57 -3.97 7.28
N PRO A 192 13.32 -4.38 7.56
CA PRO A 192 12.23 -3.71 6.82
C PRO A 192 12.05 -2.21 7.12
N ALA A 193 12.26 -1.78 8.38
CA ALA A 193 12.13 -0.36 8.72
C ALA A 193 13.17 0.49 7.99
N LYS A 194 14.39 -0.03 7.87
CA LYS A 194 15.46 0.63 7.10
C LYS A 194 15.04 0.84 5.65
N TYR A 195 14.55 -0.22 5.02
CA TYR A 195 14.02 -0.11 3.67
C TYR A 195 12.83 0.82 3.57
N ALA A 196 12.04 0.89 4.63
CA ALA A 196 10.85 1.76 4.64
C ALA A 196 11.26 3.25 4.50
N GLU A 197 12.40 3.62 5.07
CA GLU A 197 12.96 4.98 4.91
C GLU A 197 13.20 5.34 3.45
N THR A 198 13.71 4.41 2.66
CA THR A 198 13.96 4.63 1.24
C THR A 198 12.66 4.52 0.45
N MET A 199 11.78 3.60 0.82
CA MET A 199 10.48 3.53 0.15
C MET A 199 9.79 4.89 0.22
N ASP A 200 9.83 5.50 1.40
CA ASP A 200 9.20 6.78 1.67
C ASP A 200 9.77 7.88 0.76
N ARG A 201 11.10 7.98 0.70
CA ARG A 201 11.74 9.00 -0.12
C ARG A 201 11.46 8.80 -1.59
N GLU A 202 11.53 7.56 -2.03
CA GLU A 202 11.32 7.24 -3.44
C GLU A 202 9.86 7.45 -3.84
N PHE A 203 8.93 7.14 -2.93
CA PHE A 203 7.51 7.37 -3.20
C PHE A 203 7.22 8.86 -3.37
N ARG A 204 7.70 9.69 -2.44
CA ARG A 204 7.50 11.13 -2.56
C ARG A 204 8.12 11.68 -3.85
N LYS A 205 9.32 11.20 -4.17
CA LYS A 205 10.00 11.61 -5.41
C LYS A 205 9.19 11.21 -6.63
N TRP A 206 8.86 9.92 -6.75
CA TRP A 206 8.18 9.47 -7.96
C TRP A 206 6.81 10.09 -8.09
N MET A 207 6.10 10.28 -6.99
CA MET A 207 4.79 10.90 -7.07
C MET A 207 4.91 12.35 -7.59
N LYS A 208 5.91 13.11 -7.13
CA LYS A 208 6.11 14.46 -7.68
C LYS A 208 6.46 14.36 -9.16
N TRP A 209 7.23 13.34 -9.52
CA TRP A 209 7.69 13.18 -10.89
C TRP A 209 6.52 12.98 -11.85
N TYR A 210 5.56 12.13 -11.45
CA TYR A 210 4.35 11.93 -12.24
C TYR A 210 3.34 13.05 -12.07
N GLY A 211 3.54 13.92 -11.08
CA GLY A 211 2.59 15.00 -10.79
C GLY A 211 1.30 14.49 -10.13
N LYS A 212 1.40 13.54 -9.22
CA LYS A 212 0.20 13.02 -8.57
C LYS A 212 0.28 13.25 -7.06
N LYS A 213 -0.86 13.47 -6.43
CA LYS A 213 -0.86 13.71 -5.00
C LYS A 213 -1.15 12.43 -4.20
N HIS A 214 -0.71 12.45 -2.94
CA HIS A 214 -1.06 11.45 -1.94
C HIS A 214 -1.54 12.17 -0.69
N ALA A 215 -2.30 11.48 0.15
CA ALA A 215 -2.68 12.02 1.46
C ALA A 215 -1.47 11.96 2.39
N GLU A 216 -1.60 12.54 3.55
CA GLU A 216 -0.49 12.57 4.51
C GLU A 216 -0.26 11.17 5.07
N TYR A 217 1.00 10.79 5.18
CA TYR A 217 1.38 9.53 5.79
C TYR A 217 2.74 9.63 6.46
N THR A 218 2.99 8.71 7.38
CA THR A 218 4.26 8.62 8.10
C THR A 218 4.59 7.15 8.25
N LEU A 219 5.84 6.78 8.00
CA LEU A 219 6.31 5.42 8.28
C LEU A 219 7.24 5.47 9.48
N GLU A 220 6.90 4.71 10.51
CA GLU A 220 7.63 4.76 11.78
C GLU A 220 8.25 3.42 12.14
N ARG A 221 9.42 3.50 12.78
CA ARG A 221 10.00 2.39 13.51
C ARG A 221 9.45 2.41 14.94
N GLY A 222 8.80 1.31 15.32
CA GLY A 222 8.28 1.18 16.66
C GLY A 222 7.69 -0.18 16.90
N ASP A 223 7.26 -0.39 18.14
CA ASP A 223 6.65 -1.62 18.56
C ASP A 223 5.20 -1.30 18.91
N PHE A 224 4.24 -1.90 18.18
CA PHE A 224 2.84 -1.50 18.35
C PHE A 224 2.20 -2.07 19.60
N LEU A 225 2.98 -2.74 20.45
CA LEU A 225 2.49 -3.24 21.74
C LEU A 225 2.96 -2.36 22.88
N SER A 226 3.70 -1.30 22.55
CA SER A 226 4.21 -0.38 23.54
C SER A 226 3.10 0.45 24.13
N GLU A 227 3.43 1.08 25.26
CA GLU A 227 2.51 1.91 25.99
C GLU A 227 2.00 3.07 25.14
N GLU A 228 2.90 3.72 24.42
CA GLU A 228 2.53 4.83 23.52
C GLU A 228 1.43 4.36 22.55
N TRP A 229 1.56 3.14 22.05
CA TRP A 229 0.65 2.62 21.01
C TRP A 229 -0.73 2.20 21.49
N ARG A 230 -0.94 2.08 22.79
CA ARG A 230 -2.28 1.74 23.29
C ARG A 230 -3.30 2.82 22.92
N GLU A 231 -2.99 4.07 23.23
CA GLU A 231 -3.90 5.18 22.95
C GLU A 231 -4.00 5.40 21.42
N ARG A 232 -2.91 5.22 20.69
CA ARG A 232 -2.95 5.45 19.24
C ARG A 232 -3.89 4.47 18.58
N ILE A 233 -3.84 3.20 19.00
CA ILE A 233 -4.78 2.20 18.47
C ILE A 233 -6.22 2.56 18.84
N ALA A 234 -6.44 3.00 20.10
CA ALA A 234 -7.76 3.42 20.56
C ALA A 234 -8.37 4.50 19.68
N ASN A 235 -7.53 5.41 19.19
CA ASN A 235 -7.99 6.56 18.41
CA ASN A 235 -7.95 6.58 18.41
C ASN A 235 -7.92 6.35 16.89
N THR A 236 -7.56 5.15 16.46
CA THR A 236 -7.47 4.81 15.03
C THR A 236 -8.83 4.28 14.55
N SER A 237 -9.32 4.76 13.41
CA SER A 237 -10.62 4.30 12.92
C SER A 237 -10.51 3.14 11.93
N VAL A 238 -9.41 3.01 11.21
CA VAL A 238 -9.21 1.83 10.34
C VAL A 238 -7.83 1.24 10.55
N ILE A 239 -7.77 0.02 11.03
CA ILE A 239 -6.53 -0.69 11.25
C ILE A 239 -6.39 -1.79 10.22
N PHE A 240 -5.24 -1.83 9.53
CA PHE A 240 -4.89 -2.97 8.73
C PHE A 240 -3.78 -3.75 9.43
N VAL A 241 -3.93 -5.07 9.52
CA VAL A 241 -2.94 -5.89 10.23
C VAL A 241 -2.85 -7.31 9.67
N ASN A 242 -1.69 -7.61 9.10
CA ASN A 242 -1.41 -8.93 8.55
C ASN A 242 -0.89 -9.81 9.66
N ASN A 243 -1.81 -10.29 10.48
CA ASN A 243 -1.47 -11.02 11.70
C ASN A 243 -1.44 -12.53 11.50
N PHE A 244 -1.35 -12.97 10.26
CA PHE A 244 -1.36 -14.39 9.97
C PHE A 244 -0.36 -15.18 10.82
N ALA A 245 0.86 -14.66 10.98
CA ALA A 245 1.94 -15.36 11.66
C ALA A 245 2.21 -14.83 13.07
N PHE A 246 1.40 -13.89 13.56
CA PHE A 246 1.66 -13.27 14.85
C PHE A 246 1.59 -14.27 15.99
N GLY A 247 0.60 -15.16 15.96
CA GLY A 247 0.41 -16.20 16.98
C GLY A 247 -0.57 -15.74 18.05
N PRO A 248 -0.96 -16.64 18.95
CA PRO A 248 -1.99 -16.34 19.96
C PRO A 248 -1.65 -15.32 21.04
N GLU A 249 -0.39 -15.24 21.49
CA GLU A 249 -0.04 -14.29 22.54
C GLU A 249 -0.14 -12.86 22.00
N VAL A 250 0.43 -12.63 20.82
CA VAL A 250 0.37 -11.32 20.20
C VAL A 250 -1.07 -10.95 19.83
N ASP A 251 -1.86 -11.88 19.28
CA ASP A 251 -3.26 -11.56 18.90
C ASP A 251 -4.09 -11.20 20.14
N HIS A 252 -3.84 -11.90 21.25
CA HIS A 252 -4.51 -11.63 22.50
C HIS A 252 -4.20 -10.21 22.99
N GLN A 253 -2.93 -9.84 22.98
CA GLN A 253 -2.54 -8.48 23.30
C GLN A 253 -3.23 -7.47 22.40
N LEU A 254 -3.32 -7.77 21.10
CA LEU A 254 -3.96 -6.89 20.15
C LEU A 254 -5.46 -6.77 20.48
N LYS A 255 -6.14 -7.89 20.76
CA LYS A 255 -7.53 -7.86 21.26
C LYS A 255 -7.68 -6.87 22.42
N GLU A 256 -6.74 -6.90 23.34
CA GLU A 256 -6.86 -6.06 24.52
C GLU A 256 -6.78 -4.60 24.07
N ARG A 257 -6.02 -4.31 23.03
CA ARG A 257 -5.95 -2.92 22.56
C ARG A 257 -7.17 -2.52 21.72
N PHE A 258 -7.68 -3.43 20.91
CA PHE A 258 -8.90 -3.15 20.14
C PHE A 258 -10.15 -2.86 20.98
N ALA A 259 -10.22 -3.42 22.19
CA ALA A 259 -11.39 -3.25 23.05
C ALA A 259 -11.61 -1.81 23.48
N ASN A 260 -10.63 -0.94 23.23
CA ASN A 260 -10.75 0.51 23.52
C ASN A 260 -11.07 1.36 22.30
N MET A 261 -11.28 0.72 21.16
CA MET A 261 -11.59 1.47 19.95
C MET A 261 -13.01 2.03 20.03
N LYS A 262 -13.25 3.05 19.23
CA LYS A 262 -14.56 3.69 19.14
C LYS A 262 -15.54 2.91 18.27
N GLU A 263 -16.81 3.07 18.57
CA GLU A 263 -17.91 2.58 17.76
C GLU A 263 -17.64 2.83 16.26
N GLY A 264 -17.90 1.82 15.43
CA GLY A 264 -17.69 1.94 14.00
C GLY A 264 -16.23 1.83 13.54
N GLY A 265 -15.30 1.65 14.47
CA GLY A 265 -13.93 1.44 14.12
C GLY A 265 -13.82 0.09 13.43
N ARG A 266 -12.87 -0.02 12.52
CA ARG A 266 -12.73 -1.23 11.71
C ARG A 266 -11.30 -1.78 11.69
N ILE A 267 -11.20 -3.10 11.64
CA ILE A 267 -9.95 -3.79 11.56
C ILE A 267 -10.02 -4.81 10.42
N VAL A 268 -9.08 -4.72 9.49
CA VAL A 268 -8.96 -5.67 8.40
C VAL A 268 -7.73 -6.51 8.71
N SER A 269 -7.86 -7.84 8.67
CA SER A 269 -6.78 -8.72 9.11
C SER A 269 -6.77 -10.01 8.29
N SER A 270 -5.65 -10.72 8.34
CA SER A 270 -5.51 -11.98 7.63
C SER A 270 -5.91 -13.15 8.51
N LYS A 271 -6.05 -12.93 9.81
CA LYS A 271 -6.66 -13.95 10.67
C LYS A 271 -7.66 -13.27 11.62
N PRO A 272 -8.89 -13.84 11.74
CA PRO A 272 -9.95 -13.20 12.52
C PRO A 272 -9.64 -13.12 14.00
N PHE A 273 -10.00 -12.01 14.63
CA PHE A 273 -9.76 -11.81 16.05
C PHE A 273 -10.87 -12.36 16.90
N ALA A 274 -12.00 -12.69 16.29
CA ALA A 274 -13.10 -13.39 16.96
C ALA A 274 -13.73 -14.32 15.93
N PRO A 275 -14.42 -15.38 16.39
CA PRO A 275 -15.02 -16.30 15.43
C PRO A 275 -16.17 -15.69 14.64
N LEU A 276 -16.35 -16.16 13.42
CA LEU A 276 -17.42 -15.67 12.53
CA LEU A 276 -17.41 -15.63 12.56
C LEU A 276 -18.80 -16.07 13.04
N ASN A 277 -18.86 -17.13 13.83
CA ASN A 277 -20.15 -17.64 14.32
C ASN A 277 -20.40 -17.31 15.82
N PHE A 278 -19.87 -16.19 16.29
CA PHE A 278 -19.97 -15.82 17.71
C PHE A 278 -21.41 -15.61 18.15
N ARG A 279 -21.84 -16.38 19.15
CA ARG A 279 -23.10 -16.16 19.84
C ARG A 279 -22.77 -15.80 21.28
N ILE A 280 -23.11 -14.57 21.66
CA ILE A 280 -22.93 -14.09 23.02
C ILE A 280 -23.71 -14.95 24.01
N ASN A 281 -23.06 -15.40 25.09
CA ASN A 281 -23.71 -16.12 26.19
C ASN A 281 -23.01 -15.78 27.51
N SER A 282 -23.42 -16.46 28.58
CA SER A 282 -22.93 -16.17 29.94
C SER A 282 -21.46 -16.53 30.18
N ARG A 283 -20.90 -17.46 29.41
CA ARG A 283 -19.50 -17.87 29.59
C ARG A 283 -18.51 -17.01 28.81
N ASN A 284 -18.97 -16.29 27.78
CA ASN A 284 -18.03 -15.57 26.91
C ASN A 284 -18.19 -14.05 26.95
N LEU A 285 -18.71 -13.57 28.08
CA LEU A 285 -19.08 -12.16 28.26
C LEU A 285 -17.96 -11.17 28.08
N SER A 286 -16.76 -11.53 28.48
CA SER A 286 -15.62 -10.64 28.30
C SER A 286 -14.91 -10.81 26.94
N ASP A 287 -15.30 -11.80 26.14
CA ASP A 287 -14.61 -12.02 24.85
C ASP A 287 -14.84 -10.85 23.87
N ILE A 288 -13.82 -10.59 23.06
CA ILE A 288 -13.86 -9.47 22.15
C ILE A 288 -14.97 -9.57 21.09
N GLY A 289 -15.46 -10.78 20.81
CA GLY A 289 -16.63 -10.94 19.93
C GLY A 289 -17.94 -10.31 20.42
N THR A 290 -17.99 -9.94 21.70
CA THR A 290 -19.14 -9.25 22.25
C THR A 290 -19.29 -7.83 21.71
N ILE A 291 -18.22 -7.24 21.19
CA ILE A 291 -18.27 -5.85 20.73
C ILE A 291 -17.89 -5.64 19.27
N MET A 292 -17.88 -6.69 18.44
CA MET A 292 -17.56 -6.50 17.00
C MET A 292 -18.27 -7.48 16.09
N ARG A 293 -18.75 -6.97 14.96
CA ARG A 293 -19.14 -7.84 13.84
C ARG A 293 -17.87 -8.26 13.11
N VAL A 294 -17.81 -9.53 12.70
CA VAL A 294 -16.73 -10.03 11.85
C VAL A 294 -17.34 -10.58 10.57
N VAL A 295 -16.85 -10.15 9.41
CA VAL A 295 -17.19 -10.79 8.15
C VAL A 295 -15.93 -11.12 7.35
N GLU A 296 -16.06 -12.12 6.49
CA GLU A 296 -14.99 -12.53 5.62
C GLU A 296 -15.15 -11.72 4.35
N LEU A 297 -14.09 -11.02 3.96
CA LEU A 297 -14.11 -10.34 2.66
C LEU A 297 -14.17 -11.39 1.52
N SER A 298 -14.89 -11.05 0.46
CA SER A 298 -14.99 -11.88 -0.72
C SER A 298 -13.59 -12.17 -1.24
N PRO A 299 -13.28 -13.41 -1.57
CA PRO A 299 -12.03 -13.69 -2.26
C PRO A 299 -12.00 -13.08 -3.63
N LEU A 300 -10.83 -12.62 -4.05
CA LEU A 300 -10.63 -12.23 -5.44
C LEU A 300 -10.56 -13.49 -6.29
N LYS A 301 -11.27 -13.48 -7.41
CA LYS A 301 -11.34 -14.62 -8.35
C LYS A 301 -9.95 -15.15 -8.71
N GLY A 302 -9.82 -16.48 -8.68
CA GLY A 302 -8.57 -17.16 -8.99
C GLY A 302 -7.39 -16.51 -8.27
N SER A 303 -7.43 -16.60 -6.95
CA SER A 303 -6.29 -16.27 -6.10
C SER A 303 -6.24 -17.38 -5.07
N VAL A 304 -5.41 -18.40 -5.33
CA VAL A 304 -5.14 -19.48 -4.37
C VAL A 304 -4.04 -19.05 -3.37
N SER A 305 -4.22 -19.40 -2.09
CA SER A 305 -3.17 -19.24 -1.07
C SER A 305 -2.27 -20.49 -1.11
N TRP A 306 -1.27 -20.51 -0.24
CA TRP A 306 -0.36 -21.66 -0.17
CA TRP A 306 -0.36 -21.65 -0.17
C TRP A 306 -1.08 -22.92 0.29
N THR A 307 -2.08 -22.76 1.18
CA THR A 307 -2.92 -23.89 1.63
C THR A 307 -3.72 -24.56 0.49
N GLY A 308 -3.96 -23.84 -0.62
CA GLY A 308 -4.75 -24.35 -1.75
C GLY A 308 -6.14 -23.70 -1.81
N LYS A 309 -6.64 -23.31 -0.64
CA LYS A 309 -7.86 -22.53 -0.54
C LYS A 309 -7.52 -21.07 -0.89
N PRO A 310 -8.51 -20.28 -1.36
CA PRO A 310 -8.23 -18.87 -1.76
C PRO A 310 -7.95 -17.85 -0.60
N VAL A 311 -7.12 -16.84 -0.88
CA VAL A 311 -6.62 -15.90 0.14
C VAL A 311 -7.80 -15.30 0.89
N SER A 312 -7.68 -15.26 2.23
CA SER A 312 -8.81 -14.95 3.10
C SER A 312 -8.44 -13.77 3.99
N TYR A 313 -9.20 -12.67 3.88
CA TYR A 313 -9.11 -11.52 4.80
C TYR A 313 -10.45 -11.24 5.48
N TYR A 314 -10.38 -10.55 6.62
CA TYR A 314 -11.52 -10.42 7.54
C TYR A 314 -11.74 -8.99 7.99
N LEU A 315 -12.99 -8.53 7.95
CA LEU A 315 -13.31 -7.17 8.39
C LEU A 315 -14.05 -7.23 9.73
N HIS A 316 -13.51 -6.51 10.71
CA HIS A 316 -14.13 -6.42 12.03
C HIS A 316 -14.63 -5.01 12.20
N THR A 317 -15.88 -4.85 12.64
CA THR A 317 -16.46 -3.52 12.94
C THR A 317 -16.88 -3.44 14.41
N ILE A 318 -16.36 -2.46 15.13
CA ILE A 318 -16.70 -2.31 16.54
C ILE A 318 -18.15 -1.91 16.63
N ASP A 319 -18.90 -2.70 17.39
CA ASP A 319 -20.34 -2.58 17.46
C ASP A 319 -20.78 -3.13 18.81
N ARG A 320 -20.94 -2.24 19.77
CA ARG A 320 -21.32 -2.65 21.12
C ARG A 320 -22.81 -2.87 21.27
N THR A 321 -23.60 -2.57 20.25
CA THR A 321 -25.06 -2.85 20.33
C THR A 321 -25.27 -4.36 20.55
N ILE A 322 -24.32 -5.16 20.08
CA ILE A 322 -24.39 -6.62 20.27
C ILE A 322 -24.53 -6.93 21.73
N LEU A 323 -23.63 -6.33 22.50
CA LEU A 323 -23.56 -6.49 23.94
C LEU A 323 -24.74 -5.85 24.66
N GLU A 324 -25.18 -4.67 24.21
CA GLU A 324 -26.30 -3.98 24.83
C GLU A 324 -27.56 -4.81 24.65
N ASN A 325 -27.70 -5.42 23.46
CA ASN A 325 -28.89 -6.22 23.16
C ASN A 325 -28.95 -7.47 24.01
N TYR A 326 -27.79 -8.08 24.22
CA TYR A 326 -27.69 -9.23 25.12
C TYR A 326 -28.14 -8.84 26.51
N PHE A 327 -27.70 -7.68 27.00
CA PHE A 327 -28.10 -7.27 28.34
C PHE A 327 -29.59 -6.97 28.43
N SER A 328 -30.19 -6.31 27.43
CA SER A 328 -31.65 -6.07 27.47
C SER A 328 -32.38 -7.39 27.42
N SER A 329 -31.86 -8.34 26.64
CA SER A 329 -32.45 -9.68 26.57
C SER A 329 -32.55 -10.34 27.94
N LEU A 330 -31.53 -10.16 28.77
CA LEU A 330 -31.52 -10.77 30.10
C LEU A 330 -32.58 -10.15 31.04
N LYS A 331 -33.17 -9.02 30.62
CA LYS A 331 -34.27 -8.40 31.36
C LYS A 331 -35.65 -8.87 30.87
N ASN A 332 -35.74 -9.32 29.62
CA ASN A 332 -37.02 -9.64 28.98
C ASN A 332 -37.11 -11.05 28.39
N PRO A 333 -37.90 -11.95 29.03
CA PRO A 333 -38.24 -13.22 28.36
C PRO A 333 -39.34 -13.06 27.30
#